data_4C6V
#
_entry.id   4C6V
#
_cell.length_a   77.230
_cell.length_b   77.230
_cell.length_c   146.851
_cell.angle_alpha   90.00
_cell.angle_beta   90.00
_cell.angle_gamma   120.00
#
_symmetry.space_group_name_H-M   'P 31 2 1'
#
loop_
_entity.id
_entity.type
_entity.pdbx_description
1 polymer '3-OXOACYL-[ACYL-CARRIER-PROTEIN] SYNTHASE 1'
2 non-polymer 1,2-ETHANEDIOL
3 non-polymer 'POTASSIUM ION'
4 non-polymer (5R)-3-acetyl-4-hydroxy-5-methyl-5-[(1Z)-2-methylbuta-1,3-dien-1-yl]thiophen-2(5H)-one
5 water water
#
_entity_poly.entity_id   1
_entity_poly.type   'polypeptide(L)'
_entity_poly.pdbx_seq_one_letter_code
;MGSSHHHHHHSSGLVPRGSHMASMSQPSTANGGFPSVVVTAVTATTSISPDIESTWKGLLAGESGIHALEDEFVTKWDLA
VKIGGHLKDPVDSHMGRLDMRRMSYVQRMGKLLGGQLWESAGSPEVDPDRFAVVVGTGLGGAERIVESYDLMNAGGPRKV
SPLAVQMIMPNGAAAVIGLQLGARAGVMTPVSACSSGSEAIAHAWRQIVMGDADVAVCGGVEGPIEALPIAAFSMMRAMS
TRNDEPERASRPFDKDRDGFVFGEAGALMLIETEEHAKARGAKPLARLLGAGITSDAFHMVAPAADGVRAGRAMTRSLEL
AGLSPADIDHVNAHGTATPIGDAAEANAIRVAGCDQAAVYAPKSALGHSIGAVGALESVLTVLTLRDGVIPPTLNYETPD
PEIDLDVVAGEPRYGDYRYAVNNSFGFGGHNVALAFGRY
;
_entity_poly.pdbx_strand_id   A
#
# COMPACT_ATOMS: atom_id res chain seq x y z
N SER A 25 -9.84 18.93 -26.57
CA SER A 25 -8.86 17.87 -26.10
C SER A 25 -9.23 17.41 -24.69
N GLN A 26 -9.21 16.09 -24.47
CA GLN A 26 -9.33 15.55 -23.10
C GLN A 26 -8.14 16.07 -22.21
N PRO A 27 -8.44 16.69 -21.04
CA PRO A 27 -7.44 17.11 -20.03
C PRO A 27 -6.41 16.02 -19.63
N SER A 28 -5.12 16.36 -19.59
CA SER A 28 -4.10 15.45 -19.06
C SER A 28 -2.95 16.18 -18.37
N THR A 29 -2.24 15.48 -17.49
CA THR A 29 -1.06 16.05 -16.79
C THR A 29 -0.07 16.62 -17.80
N ALA A 30 0.39 15.77 -18.72
CA ALA A 30 1.41 16.08 -19.74
C ALA A 30 1.05 17.25 -20.65
N ASN A 31 -0.23 17.35 -21.02
CA ASN A 31 -0.69 18.49 -21.82
C ASN A 31 -1.01 19.79 -21.03
N GLY A 32 -0.85 19.76 -19.70
CA GLY A 32 -1.09 20.94 -18.84
C GLY A 32 -2.54 21.09 -18.36
N GLY A 33 -3.41 20.19 -18.81
CA GLY A 33 -4.81 20.17 -18.41
C GLY A 33 -5.01 19.88 -16.94
N PHE A 34 -4.13 19.07 -16.35
CA PHE A 34 -4.08 18.87 -14.90
C PHE A 34 -2.82 19.54 -14.34
N PRO A 35 -2.88 20.03 -13.09
CA PRO A 35 -1.64 20.65 -12.57
C PRO A 35 -0.60 19.59 -12.21
N SER A 36 0.68 19.98 -12.31
CA SER A 36 1.77 19.12 -11.90
C SER A 36 1.70 18.82 -10.36
N VAL A 37 1.62 17.53 -10.02
CA VAL A 37 1.61 17.09 -8.64
C VAL A 37 2.87 16.25 -8.38
N VAL A 38 3.58 16.59 -7.28
CA VAL A 38 4.82 15.92 -6.90
C VAL A 38 4.75 15.20 -5.53
N VAL A 39 5.51 14.13 -5.34
CA VAL A 39 5.62 13.54 -4.01
C VAL A 39 6.83 14.19 -3.33
N THR A 40 6.62 14.79 -2.17
CA THR A 40 7.70 15.54 -1.55
C THR A 40 8.14 14.96 -0.20
N ALA A 41 7.45 13.95 0.30
CA ALA A 41 7.92 13.26 1.52
C ALA A 41 7.25 11.92 1.58
N VAL A 42 7.91 10.98 2.24
CA VAL A 42 7.41 9.61 2.37
C VAL A 42 7.85 9.02 3.72
N THR A 43 6.96 8.21 4.30
CA THR A 43 7.26 7.53 5.54
C THR A 43 6.56 6.17 5.53
N ALA A 44 7.21 5.16 6.14
CA ALA A 44 6.64 3.83 6.26
C ALA A 44 7.25 3.10 7.44
N THR A 45 6.49 2.17 8.00
CA THR A 45 7.02 1.23 8.98
C THR A 45 6.78 -0.14 8.33
N THR A 46 7.77 -1.04 8.38
CA THR A 46 7.59 -2.35 7.76
C THR A 46 8.22 -3.44 8.60
N SER A 47 8.18 -4.66 8.10
CA SER A 47 8.79 -5.76 8.83
C SER A 47 10.32 -5.80 8.75
N ILE A 48 10.89 -5.00 7.85
CA ILE A 48 12.36 -4.78 7.84
C ILE A 48 12.84 -3.64 8.75
N SER A 49 12.17 -2.49 8.72
CA SER A 49 12.60 -1.31 9.46
C SER A 49 11.49 -0.34 9.80
N PRO A 50 11.65 0.43 10.89
CA PRO A 50 10.69 1.50 11.08
C PRO A 50 11.01 2.67 10.18
N ASP A 51 12.21 2.74 9.65
CA ASP A 51 12.67 3.81 8.75
C ASP A 51 12.49 3.33 7.30
N ILE A 52 12.00 4.20 6.41
CA ILE A 52 11.77 3.80 5.04
C ILE A 52 13.09 3.77 4.25
N GLU A 53 13.99 4.67 4.56
CA GLU A 53 15.25 4.71 3.87
C GLU A 53 16.02 3.45 4.19
N SER A 54 15.75 2.92 5.37
CA SER A 54 16.36 1.69 5.88
C SER A 54 15.68 0.46 5.30
N THR A 55 14.37 0.57 5.04
CA THR A 55 13.64 -0.52 4.37
C THR A 55 14.19 -0.65 2.93
N TRP A 56 14.29 0.48 2.23
CA TRP A 56 14.94 0.52 0.93
C TRP A 56 16.39 -0.05 0.91
N LYS A 57 17.26 0.37 1.84
CA LYS A 57 18.60 -0.21 1.83
C LYS A 57 18.56 -1.72 2.08
N GLY A 58 17.57 -2.18 2.83
CA GLY A 58 17.51 -3.59 3.19
C GLY A 58 17.05 -4.44 2.04
N LEU A 59 16.08 -3.95 1.26
CA LEU A 59 15.49 -4.62 0.14
C LEU A 59 16.55 -4.86 -0.94
N LEU A 60 17.25 -3.78 -1.30
CA LEU A 60 18.37 -3.80 -2.21
C LEU A 60 19.53 -4.71 -1.76
N ALA A 61 19.50 -5.13 -0.50
CA ALA A 61 20.52 -6.10 -0.03
C ALA A 61 19.84 -7.46 0.03
N GLY A 62 18.64 -7.52 -0.51
CA GLY A 62 17.81 -8.70 -0.49
C GLY A 62 17.43 -9.26 0.86
N GLU A 63 17.20 -8.40 1.85
CA GLU A 63 16.69 -8.92 3.12
C GLU A 63 15.20 -9.29 2.94
N SER A 64 14.71 -10.15 3.84
CA SER A 64 13.29 -10.51 3.89
C SER A 64 12.70 -10.12 5.24
N GLY A 65 11.50 -9.54 5.23
CA GLY A 65 10.78 -9.27 6.47
C GLY A 65 10.15 -10.50 7.09
N ILE A 66 10.02 -11.58 6.32
CA ILE A 66 9.23 -12.76 6.71
C ILE A 66 10.07 -13.77 7.51
N HIS A 67 9.52 -14.22 8.63
CA HIS A 67 10.17 -15.21 9.49
C HIS A 67 9.14 -16.15 10.08
N ALA A 68 9.61 -17.12 10.88
CA ALA A 68 8.71 -18.04 11.61
C ALA A 68 7.88 -17.25 12.62
N LEU A 69 6.59 -17.55 12.74
CA LEU A 69 5.78 -16.85 13.72
C LEU A 69 6.00 -17.37 15.13
N GLU A 70 6.48 -16.48 16.00
CA GLU A 70 6.78 -16.81 17.41
C GLU A 70 5.49 -16.88 18.24
N ASP A 71 4.55 -15.99 17.93
CA ASP A 71 3.25 -15.87 18.57
C ASP A 71 2.63 -17.24 18.99
N GLU A 72 2.40 -17.40 20.29
CA GLU A 72 1.87 -18.63 20.85
C GLU A 72 0.52 -19.04 20.23
N PHE A 73 -0.23 -18.08 19.69
CA PHE A 73 -1.52 -18.42 19.06
C PHE A 73 -1.43 -19.30 17.80
N VAL A 74 -0.22 -19.62 17.36
CA VAL A 74 -0.05 -20.51 16.21
C VAL A 74 -0.22 -21.97 16.62
N THR A 75 0.43 -22.35 17.71
CA THR A 75 0.32 -23.71 18.20
C THR A 75 -1.05 -23.90 18.89
N LYS A 76 -1.53 -22.84 19.57
CA LYS A 76 -2.91 -22.78 20.13
C LYS A 76 -4.00 -23.26 19.14
N TRP A 77 -4.05 -22.62 17.98
CA TRP A 77 -5.06 -22.86 16.96
C TRP A 77 -4.64 -23.89 15.91
N ASP A 78 -3.45 -24.48 16.12
CA ASP A 78 -2.80 -25.40 15.16
C ASP A 78 -2.93 -24.91 13.68
N LEU A 79 -2.43 -23.72 13.41
CA LEU A 79 -2.69 -23.08 12.13
C LEU A 79 -1.80 -23.61 11.02
N ALA A 80 -2.38 -23.73 9.83
CA ALA A 80 -1.62 -24.16 8.67
C ALA A 80 -0.48 -23.21 8.30
N VAL A 81 -0.73 -21.92 8.55
CA VAL A 81 0.25 -20.87 8.27
C VAL A 81 1.02 -20.61 9.56
N LYS A 82 2.36 -20.69 9.49
CA LYS A 82 3.26 -20.52 10.65
C LYS A 82 4.36 -19.48 10.37
N ILE A 83 4.09 -18.60 9.39
CA ILE A 83 5.07 -17.62 8.97
C ILE A 83 4.41 -16.29 8.72
N GLY A 84 5.20 -15.22 8.74
CA GLY A 84 4.76 -13.86 8.42
C GLY A 84 5.75 -12.86 8.98
N GLY A 85 5.65 -11.60 8.55
CA GLY A 85 6.46 -10.51 9.13
C GLY A 85 5.71 -9.45 9.97
N HIS A 86 6.01 -9.44 11.26
CA HIS A 86 5.64 -8.37 12.13
C HIS A 86 6.53 -7.18 11.86
N LEU A 87 6.03 -5.99 12.18
CA LEU A 87 6.83 -4.76 12.09
C LEU A 87 8.11 -4.97 12.86
N LYS A 88 9.23 -4.48 12.33
CA LYS A 88 10.51 -4.51 13.05
C LYS A 88 10.43 -3.72 14.35
N ASP A 89 9.61 -2.68 14.37
CA ASP A 89 9.52 -1.81 15.53
C ASP A 89 8.05 -1.56 15.87
N PRO A 90 7.57 -2.29 16.89
CA PRO A 90 6.11 -2.34 17.13
C PRO A 90 5.54 -0.95 17.41
N VAL A 91 4.52 -0.58 16.66
CA VAL A 91 3.81 0.72 16.87
C VAL A 91 3.62 1.10 18.34
N ASP A 92 3.12 0.18 19.14
CA ASP A 92 2.85 0.45 20.52
C ASP A 92 4.07 0.72 21.37
N SER A 93 5.28 0.43 20.88
CA SER A 93 6.50 0.92 21.55
C SER A 93 6.56 2.42 21.61
N HIS A 94 5.79 3.07 20.76
CA HIS A 94 5.76 4.53 20.66
C HIS A 94 4.46 5.11 21.20
N MET A 95 3.85 4.41 22.18
CA MET A 95 2.49 4.67 22.64
C MET A 95 2.39 4.50 24.14
N GLY A 96 1.82 5.51 24.78
CA GLY A 96 1.69 5.51 26.22
C GLY A 96 0.27 5.16 26.61
N ARG A 97 -0.01 5.15 27.91
CA ARG A 97 -1.31 4.67 28.37
C ARG A 97 -2.52 5.51 27.90
N LEU A 98 -2.31 6.82 27.68
CA LEU A 98 -3.29 7.71 27.04
C LEU A 98 -3.65 7.29 25.62
N ASP A 99 -2.67 7.26 24.75
CA ASP A 99 -2.92 6.82 23.41
C ASP A 99 -3.66 5.50 23.40
N MET A 100 -3.30 4.61 24.32
CA MET A 100 -3.85 3.26 24.36
C MET A 100 -5.32 3.22 24.72
N ARG A 101 -5.78 4.25 25.44
CA ARG A 101 -7.17 4.34 25.93
C ARG A 101 -8.14 4.90 24.88
N ARG A 102 -7.64 5.75 23.98
CA ARG A 102 -8.53 6.46 23.05
C ARG A 102 -8.50 6.02 21.59
N MET A 103 -7.57 5.13 21.21
CA MET A 103 -7.44 4.78 19.80
C MET A 103 -7.36 3.31 19.54
N SER A 104 -7.95 2.86 18.45
CA SER A 104 -7.67 1.54 17.88
C SER A 104 -6.21 1.44 17.41
N TYR A 105 -5.73 0.22 17.14
CA TYR A 105 -4.33 0.06 16.66
C TYR A 105 -4.09 0.86 15.37
N VAL A 106 -5.03 0.79 14.45
CA VAL A 106 -4.86 1.41 13.17
C VAL A 106 -4.80 2.94 13.33
N GLN A 107 -5.56 3.50 14.26
CA GLN A 107 -5.42 4.92 14.65
C GLN A 107 -4.03 5.22 15.24
N ARG A 108 -3.57 4.34 16.14
CA ARG A 108 -2.24 4.45 16.73
C ARG A 108 -1.16 4.50 15.65
N MET A 109 -1.26 3.61 14.66
CA MET A 109 -0.30 3.60 13.58
C MET A 109 -0.42 4.87 12.74
N GLY A 110 -1.64 5.39 12.66
CA GLY A 110 -1.89 6.60 11.90
C GLY A 110 -1.18 7.80 12.48
N LYS A 111 -1.38 8.02 13.78
CA LYS A 111 -0.73 9.09 14.54
C LYS A 111 0.77 9.02 14.38
N LEU A 112 1.32 7.82 14.48
CA LEU A 112 2.75 7.66 14.43
C LEU A 112 3.28 8.12 13.07
N LEU A 113 2.64 7.65 12.00
CA LEU A 113 3.13 7.87 10.65
C LEU A 113 2.91 9.32 10.21
N GLY A 114 1.75 9.87 10.56
CA GLY A 114 1.48 11.29 10.37
C GLY A 114 2.56 12.16 10.98
N GLY A 115 2.80 11.91 12.27
CA GLY A 115 3.80 12.63 13.03
C GLY A 115 5.15 12.63 12.34
N GLN A 116 5.56 11.45 11.87
CA GLN A 116 6.86 11.27 11.22
C GLN A 116 6.91 11.96 9.87
N LEU A 117 5.84 11.77 9.07
CA LEU A 117 5.75 12.33 7.70
C LEU A 117 5.88 13.87 7.71
N TRP A 118 5.20 14.53 8.63
CA TRP A 118 5.33 15.97 8.79
C TRP A 118 6.76 16.41 9.15
N GLU A 119 7.29 15.79 10.20
CA GLU A 119 8.67 15.95 10.65
C GLU A 119 9.69 15.91 9.49
N SER A 120 9.50 14.98 8.56
CA SER A 120 10.39 14.79 7.42
C SER A 120 10.16 15.82 6.36
N ALA A 121 8.93 16.32 6.27
CA ALA A 121 8.63 17.32 5.27
C ALA A 121 9.05 18.71 5.77
N GLY A 122 9.90 18.73 6.80
CA GLY A 122 10.45 19.95 7.39
C GLY A 122 9.41 20.72 8.19
N SER A 123 8.36 20.01 8.63
CA SER A 123 7.27 20.54 9.48
C SER A 123 6.66 21.84 8.97
N PRO A 124 6.15 21.86 7.72
CA PRO A 124 5.74 23.11 7.09
C PRO A 124 4.39 23.58 7.58
N GLU A 125 4.16 24.89 7.51
CA GLU A 125 2.88 25.42 7.89
C GLU A 125 2.21 25.71 6.58
N VAL A 126 1.16 24.94 6.32
CA VAL A 126 0.43 24.99 5.09
C VAL A 126 -0.88 25.70 5.39
N ASP A 127 -1.67 25.97 4.35
CA ASP A 127 -3.02 26.48 4.53
C ASP A 127 -3.96 25.29 4.78
N PRO A 128 -4.53 25.24 5.99
CA PRO A 128 -5.40 24.19 6.38
C PRO A 128 -6.55 23.95 5.41
N ASP A 129 -6.97 24.99 4.67
CA ASP A 129 -8.14 24.89 3.81
C ASP A 129 -7.78 24.49 2.38
N ARG A 130 -6.51 24.14 2.17
CA ARG A 130 -6.05 23.62 0.88
C ARG A 130 -5.41 22.27 1.13
N PHE A 131 -5.67 21.72 2.31
CA PHE A 131 -5.00 20.54 2.80
C PHE A 131 -5.94 19.34 3.05
N ALA A 132 -5.81 18.28 2.24
CA ALA A 132 -6.62 17.02 2.43
C ALA A 132 -5.86 15.88 3.14
N VAL A 133 -6.58 14.91 3.68
CA VAL A 133 -6.02 13.65 4.14
C VAL A 133 -6.82 12.54 3.49
N VAL A 134 -6.17 11.65 2.74
CA VAL A 134 -6.85 10.41 2.28
C VAL A 134 -6.06 9.15 2.76
N VAL A 135 -6.67 8.33 3.60
CA VAL A 135 -6.03 7.17 4.14
C VAL A 135 -6.99 5.98 4.13
N GLY A 136 -6.67 4.95 3.37
CA GLY A 136 -7.48 3.71 3.42
C GLY A 136 -7.08 2.72 4.52
N THR A 137 -7.96 1.80 4.88
CA THR A 137 -7.60 0.51 5.56
C THR A 137 -8.40 -0.60 4.96
N GLY A 138 -7.93 -1.82 5.19
CA GLY A 138 -8.74 -3.01 4.89
C GLY A 138 -9.88 -3.12 5.89
N LEU A 139 -9.57 -2.98 7.18
CA LEU A 139 -10.57 -3.24 8.22
C LEU A 139 -10.90 -2.14 9.22
N GLY A 140 -9.89 -1.37 9.64
CA GLY A 140 -10.10 -0.40 10.72
C GLY A 140 -10.16 -1.08 12.09
N GLY A 141 -10.70 -0.39 13.10
CA GLY A 141 -10.65 -0.83 14.50
C GLY A 141 -11.45 -2.03 14.98
N ALA A 142 -11.39 -3.16 14.26
CA ALA A 142 -12.12 -4.39 14.61
C ALA A 142 -11.86 -5.02 16.02
N GLU A 143 -10.64 -4.85 16.57
CA GLU A 143 -10.33 -5.36 17.90
C GLU A 143 -11.25 -4.65 18.92
N ARG A 144 -11.37 -3.34 18.76
CA ARG A 144 -12.23 -2.51 19.59
C ARG A 144 -13.71 -2.95 19.68
N ILE A 145 -14.22 -3.76 18.74
CA ILE A 145 -15.64 -4.06 18.86
C ILE A 145 -15.91 -5.28 19.74
N VAL A 146 -15.01 -6.26 19.70
CA VAL A 146 -15.01 -7.28 20.73
C VAL A 146 -14.81 -6.64 22.12
N GLU A 147 -13.83 -5.76 22.25
CA GLU A 147 -13.60 -4.98 23.49
C GLU A 147 -14.88 -4.29 24.05
N SER A 148 -15.59 -3.53 23.23
CA SER A 148 -16.80 -2.85 23.67
C SER A 148 -17.92 -3.83 23.94
N TYR A 149 -17.93 -4.92 23.20
CA TYR A 149 -18.95 -5.90 23.43
C TYR A 149 -18.70 -6.66 24.78
N ASP A 150 -17.45 -7.00 25.07
CA ASP A 150 -17.09 -7.74 26.28
C ASP A 150 -17.30 -6.91 27.55
N LEU A 151 -16.96 -5.62 27.46
CA LEU A 151 -17.16 -4.66 28.54
C LEU A 151 -18.63 -4.50 28.89
N MET A 152 -19.49 -4.51 27.87
CA MET A 152 -20.92 -4.41 28.08
C MET A 152 -21.55 -5.69 28.62
N ASN A 153 -20.93 -6.86 28.38
CA ASN A 153 -21.40 -8.13 28.99
C ASN A 153 -21.13 -8.17 30.50
N ALA A 154 -19.90 -7.80 30.84
CA ALA A 154 -19.41 -7.68 32.21
C ALA A 154 -20.22 -6.69 33.09
N GLY A 155 -20.30 -5.43 32.65
CA GLY A 155 -20.87 -4.39 33.50
C GLY A 155 -21.85 -3.38 32.91
N GLY A 156 -22.51 -3.72 31.81
CA GLY A 156 -23.59 -2.87 31.27
C GLY A 156 -23.17 -1.77 30.30
N PRO A 157 -24.18 -1.12 29.68
CA PRO A 157 -24.02 -0.08 28.63
C PRO A 157 -23.19 1.13 29.05
N ARG A 158 -23.14 1.37 30.37
CA ARG A 158 -22.42 2.47 30.99
C ARG A 158 -20.92 2.16 31.10
N LYS A 159 -20.56 0.89 30.96
CA LYS A 159 -19.16 0.46 30.93
C LYS A 159 -18.53 0.62 29.50
N VAL A 160 -19.28 1.18 28.57
CA VAL A 160 -18.87 1.39 27.18
C VAL A 160 -18.40 2.83 26.98
N SER A 161 -17.24 3.00 26.37
CA SER A 161 -16.62 4.32 26.28
C SER A 161 -17.41 5.33 25.43
N PRO A 162 -17.53 6.59 25.91
CA PRO A 162 -18.12 7.62 25.03
C PRO A 162 -17.33 7.59 23.72
N LEU A 163 -16.01 7.76 23.91
CA LEU A 163 -14.92 7.59 22.91
C LEU A 163 -15.07 6.46 21.84
N ALA A 164 -15.96 5.49 22.11
CA ALA A 164 -15.92 4.20 21.43
C ALA A 164 -16.15 4.32 19.95
N VAL A 165 -17.07 5.23 19.56
CA VAL A 165 -17.53 5.50 18.18
C VAL A 165 -16.37 5.79 17.22
N GLN A 166 -15.51 6.67 17.74
CA GLN A 166 -14.37 7.23 17.04
C GLN A 166 -13.06 6.39 17.14
N MET A 167 -13.13 5.23 17.82
CA MET A 167 -12.11 4.19 17.73
C MET A 167 -12.64 3.16 16.75
N ILE A 168 -13.95 3.14 16.69
CA ILE A 168 -14.66 2.02 16.17
C ILE A 168 -14.71 2.17 14.66
N MET A 169 -15.03 3.40 14.25
CA MET A 169 -15.21 3.81 12.86
C MET A 169 -14.09 3.34 11.88
N PRO A 170 -14.45 2.99 10.63
CA PRO A 170 -13.34 2.72 9.68
C PRO A 170 -12.61 3.99 9.13
N ASN A 171 -13.21 5.17 9.27
CA ASN A 171 -12.53 6.43 8.96
C ASN A 171 -11.62 6.89 10.11
N GLY A 172 -11.49 6.06 11.15
CA GLY A 172 -10.79 6.38 12.39
C GLY A 172 -9.39 6.96 12.22
N ALA A 173 -8.55 6.26 11.46
CA ALA A 173 -7.16 6.68 11.20
C ALA A 173 -7.07 7.97 10.42
N ALA A 174 -7.89 8.10 9.37
CA ALA A 174 -7.87 9.31 8.53
C ALA A 174 -8.26 10.55 9.33
N ALA A 175 -9.38 10.43 10.05
CA ALA A 175 -9.79 11.36 11.12
C ALA A 175 -8.65 11.74 12.07
N VAL A 176 -7.92 10.78 12.61
CA VAL A 176 -6.86 11.11 13.56
C VAL A 176 -5.75 11.91 12.89
N ILE A 177 -5.34 11.52 11.71
CA ILE A 177 -4.27 12.22 11.03
C ILE A 177 -4.70 13.64 10.61
N GLY A 178 -5.93 13.74 10.10
CA GLY A 178 -6.49 15.02 9.67
C GLY A 178 -6.53 15.97 10.84
N LEU A 179 -6.87 15.44 12.00
CA LEU A 179 -7.04 16.28 13.15
C LEU A 179 -5.67 16.70 13.61
N GLN A 180 -4.77 15.73 13.70
CA GLN A 180 -3.45 15.97 14.19
C GLN A 180 -2.64 16.93 13.29
N LEU A 181 -2.87 16.88 11.99
CA LEU A 181 -2.09 17.70 11.08
C LEU A 181 -2.78 19.01 10.71
N GLY A 182 -4.10 19.06 10.99
CA GLY A 182 -4.96 20.23 10.75
C GLY A 182 -5.39 20.33 9.30
N ALA A 183 -5.97 19.26 8.79
CA ALA A 183 -6.36 19.22 7.39
C ALA A 183 -7.82 19.53 7.32
N ARG A 184 -8.11 20.61 6.60
CA ARG A 184 -9.45 21.19 6.51
C ARG A 184 -10.11 21.13 5.09
N ALA A 185 -9.50 20.43 4.16
CA ALA A 185 -10.02 20.36 2.80
C ALA A 185 -10.47 18.92 2.52
N GLY A 186 -11.00 18.25 3.55
CA GLY A 186 -11.49 16.90 3.39
C GLY A 186 -10.56 15.90 4.04
N VAL A 187 -11.17 14.91 4.70
CA VAL A 187 -10.48 13.77 5.29
C VAL A 187 -11.27 12.54 4.81
N MET A 188 -10.72 11.79 3.88
CA MET A 188 -11.44 10.67 3.28
C MET A 188 -10.85 9.30 3.57
N THR A 189 -11.71 8.30 3.63
CA THR A 189 -11.26 6.90 3.77
C THR A 189 -11.91 6.01 2.70
N PRO A 190 -11.18 5.73 1.61
CA PRO A 190 -11.72 4.71 0.70
C PRO A 190 -11.44 3.28 1.25
N VAL A 191 -12.37 2.36 1.13
CA VAL A 191 -11.94 1.04 1.45
C VAL A 191 -12.14 0.14 0.22
N SER A 192 -11.11 -0.62 -0.16
CA SER A 192 -11.28 -1.65 -1.19
C SER A 192 -10.37 -2.85 -0.94
N ALA A 193 -10.58 -3.55 0.18
CA ALA A 193 -9.64 -4.59 0.63
C ALA A 193 -8.19 -4.19 0.27
N CYS A 194 -7.53 -5.01 -0.54
CA CYS A 194 -6.08 -4.94 -0.72
C CYS A 194 -5.59 -3.71 -1.45
N SER A 195 -6.48 -2.98 -2.11
CA SER A 195 -6.02 -1.81 -2.85
C SER A 195 -6.34 -0.46 -2.19
N SER A 196 -6.82 -0.45 -0.94
CA SER A 196 -7.22 0.76 -0.24
C SER A 196 -6.15 1.86 -0.22
N GLY A 197 -4.90 1.43 0.06
CA GLY A 197 -3.78 2.34 0.17
C GLY A 197 -3.42 3.02 -1.14
N SER A 198 -3.65 2.35 -2.27
CA SER A 198 -3.42 3.00 -3.56
C SER A 198 -4.64 3.86 -3.89
N GLU A 199 -5.82 3.38 -3.57
CA GLU A 199 -7.02 4.11 -3.90
C GLU A 199 -6.99 5.47 -3.19
N ALA A 200 -6.53 5.46 -1.92
CA ALA A 200 -6.43 6.65 -1.11
C ALA A 200 -5.60 7.65 -1.88
N ILE A 201 -4.41 7.24 -2.28
CA ILE A 201 -3.49 8.12 -3.01
C ILE A 201 -4.12 8.59 -4.33
N ALA A 202 -4.89 7.73 -5.02
CA ALA A 202 -5.60 8.17 -6.26
C ALA A 202 -6.55 9.32 -5.98
N HIS A 203 -7.33 9.18 -4.91
CA HIS A 203 -8.35 10.15 -4.61
C HIS A 203 -7.72 11.46 -4.13
N ALA A 204 -6.63 11.38 -3.33
CA ALA A 204 -5.87 12.56 -2.95
C ALA A 204 -5.43 13.26 -4.23
N TRP A 205 -4.89 12.51 -5.17
CA TRP A 205 -4.58 13.08 -6.47
C TRP A 205 -5.78 13.78 -7.14
N ARG A 206 -6.92 13.08 -7.21
CA ARG A 206 -8.18 13.61 -7.79
C ARG A 206 -8.55 14.88 -7.03
N GLN A 207 -8.44 14.84 -5.71
CA GLN A 207 -8.83 15.95 -4.87
C GLN A 207 -7.99 17.20 -5.25
N ILE A 208 -6.68 17.01 -5.49
CA ILE A 208 -5.80 18.11 -5.82
C ILE A 208 -6.01 18.67 -7.24
N VAL A 209 -6.01 17.82 -8.25
CA VAL A 209 -6.16 18.27 -9.67
C VAL A 209 -7.54 18.87 -9.97
N MET A 210 -8.51 18.53 -9.12
CA MET A 210 -9.84 19.08 -9.26
C MET A 210 -10.05 20.45 -8.63
N GLY A 211 -8.99 21.01 -8.06
CA GLY A 211 -9.02 22.31 -7.40
C GLY A 211 -9.34 22.37 -5.91
N ASP A 212 -9.61 21.20 -5.35
CA ASP A 212 -10.18 21.08 -4.03
C ASP A 212 -9.12 21.23 -2.98
N ALA A 213 -7.87 20.96 -3.32
CA ALA A 213 -6.72 21.07 -2.39
C ALA A 213 -5.42 21.36 -3.14
N ASP A 214 -4.40 21.85 -2.45
CA ASP A 214 -3.07 22.06 -3.05
C ASP A 214 -2.07 21.01 -2.55
N VAL A 215 -2.34 20.50 -1.35
CA VAL A 215 -1.46 19.54 -0.68
C VAL A 215 -2.33 18.45 -0.09
N ALA A 216 -1.82 17.23 -0.03
CA ALA A 216 -2.61 16.15 0.59
C ALA A 216 -1.69 15.11 1.26
N VAL A 217 -2.15 14.53 2.37
CA VAL A 217 -1.42 13.47 3.02
C VAL A 217 -2.19 12.23 2.73
N CYS A 218 -1.54 11.22 2.15
CA CYS A 218 -2.28 10.04 1.72
C CYS A 218 -1.55 8.76 1.98
N GLY A 219 -2.29 7.66 2.10
CA GLY A 219 -1.71 6.33 2.21
C GLY A 219 -2.66 5.35 2.84
N GLY A 220 -2.10 4.39 3.57
CA GLY A 220 -2.87 3.29 4.15
C GLY A 220 -2.21 2.78 5.42
N VAL A 221 -3.04 2.35 6.34
CA VAL A 221 -2.59 1.75 7.55
C VAL A 221 -3.39 0.46 7.60
N GLU A 222 -3.09 -0.41 8.57
CA GLU A 222 -3.61 -1.79 8.67
C GLU A 222 -3.04 -2.36 9.93
N GLY A 223 -3.81 -3.27 10.53
CA GLY A 223 -3.49 -3.81 11.83
C GLY A 223 -2.51 -4.95 11.69
N PRO A 224 -2.17 -5.57 12.83
CA PRO A 224 -1.12 -6.57 12.86
C PRO A 224 -1.62 -7.95 12.46
N ILE A 225 -0.70 -8.89 12.35
CA ILE A 225 -1.01 -10.26 12.04
C ILE A 225 -1.77 -10.88 13.20
N GLU A 226 -3.05 -11.17 12.96
CA GLU A 226 -3.95 -11.85 13.90
C GLU A 226 -4.41 -13.21 13.40
N ALA A 227 -4.98 -14.03 14.30
CA ALA A 227 -5.42 -15.41 14.04
C ALA A 227 -6.56 -15.50 13.02
N LEU A 228 -7.58 -14.69 13.23
CA LEU A 228 -8.73 -14.71 12.39
C LEU A 228 -8.42 -14.44 10.89
N PRO A 229 -7.67 -13.35 10.60
CA PRO A 229 -7.47 -13.20 9.14
C PRO A 229 -6.65 -14.35 8.58
N ILE A 230 -5.69 -14.86 9.36
CA ILE A 230 -4.94 -16.05 8.93
C ILE A 230 -5.93 -17.17 8.57
N ALA A 231 -6.82 -17.51 9.52
CA ALA A 231 -7.87 -18.52 9.28
C ALA A 231 -8.72 -18.23 8.05
N ALA A 232 -9.18 -17.00 7.88
CA ALA A 232 -10.05 -16.66 6.75
C ALA A 232 -9.37 -16.78 5.37
N PHE A 233 -8.16 -16.25 5.25
CA PHE A 233 -7.42 -16.37 4.00
C PHE A 233 -6.89 -17.75 3.77
N SER A 234 -6.63 -18.50 4.84
CA SER A 234 -6.15 -19.87 4.75
C SER A 234 -7.22 -20.73 4.14
N MET A 235 -8.44 -20.49 4.60
CA MET A 235 -9.59 -21.24 4.14
C MET A 235 -9.89 -20.94 2.67
N MET A 236 -9.43 -19.81 2.17
CA MET A 236 -9.52 -19.50 0.74
C MET A 236 -8.57 -20.34 -0.11
N ARG A 237 -7.58 -20.96 0.55
CA ARG A 237 -6.36 -21.54 -0.05
C ARG A 237 -5.43 -20.50 -0.64
N ALA A 238 -5.46 -19.30 -0.07
CA ALA A 238 -4.78 -18.11 -0.60
C ALA A 238 -3.40 -17.97 -0.01
N MET A 239 -3.10 -18.75 1.02
CA MET A 239 -1.89 -18.47 1.79
C MET A 239 -0.77 -19.54 1.70
N SER A 240 0.44 -19.08 1.41
CA SER A 240 1.58 -19.98 1.47
C SER A 240 1.74 -20.69 2.80
N THR A 241 2.16 -21.96 2.76
CA THR A 241 2.44 -22.74 3.96
C THR A 241 3.84 -23.37 3.95
N ARG A 242 4.77 -22.71 3.25
CA ARG A 242 6.16 -23.14 3.20
C ARG A 242 6.79 -22.73 4.52
N ASN A 243 6.40 -23.44 5.56
CA ASN A 243 6.80 -23.14 6.92
C ASN A 243 8.26 -23.48 7.26
N ASP A 244 8.81 -24.48 6.54
CA ASP A 244 10.18 -25.02 6.71
C ASP A 244 11.26 -23.98 6.37
N GLU A 245 10.90 -23.03 5.50
CA GLU A 245 11.78 -21.92 5.08
C GLU A 245 10.95 -20.63 4.97
N PRO A 246 10.79 -19.90 6.06
CA PRO A 246 9.92 -18.73 6.06
C PRO A 246 10.23 -17.66 4.99
N GLU A 247 11.51 -17.28 4.85
CA GLU A 247 11.98 -16.29 3.87
C GLU A 247 11.80 -16.75 2.42
N ARG A 248 11.62 -18.04 2.20
CA ARG A 248 11.46 -18.58 0.84
C ARG A 248 9.98 -18.83 0.47
N ALA A 249 9.07 -18.61 1.42
CA ALA A 249 7.63 -18.80 1.17
C ALA A 249 7.05 -17.87 0.10
N SER A 250 7.26 -16.56 0.23
CA SER A 250 6.61 -15.65 -0.72
C SER A 250 7.30 -15.65 -2.08
N ARG A 251 6.70 -16.33 -3.06
CA ARG A 251 7.29 -16.50 -4.40
C ARG A 251 6.47 -15.91 -5.54
N PRO A 252 6.22 -14.59 -5.53
CA PRO A 252 5.47 -13.99 -6.63
C PRO A 252 6.10 -14.27 -7.99
N PHE A 253 5.26 -14.80 -8.88
CA PHE A 253 5.54 -15.07 -10.31
C PHE A 253 6.37 -16.30 -10.57
N ASP A 254 6.71 -16.97 -9.48
CA ASP A 254 7.53 -18.13 -9.59
C ASP A 254 6.66 -19.36 -9.89
N LYS A 255 7.16 -20.24 -10.75
CA LYS A 255 6.50 -21.52 -11.04
C LYS A 255 6.02 -22.20 -9.74
N ASP A 256 6.78 -22.06 -8.63
CA ASP A 256 6.50 -22.81 -7.39
C ASP A 256 5.73 -22.08 -6.26
N ARG A 257 5.18 -20.90 -6.55
CA ARG A 257 4.43 -20.09 -5.56
C ARG A 257 3.25 -20.86 -5.02
N ASP A 258 2.82 -20.60 -3.78
CA ASP A 258 1.72 -21.36 -3.16
C ASP A 258 0.78 -20.48 -2.33
N GLY A 259 0.89 -19.18 -2.58
CA GLY A 259 0.01 -18.20 -1.98
C GLY A 259 0.76 -17.05 -1.33
N PHE A 260 0.01 -16.20 -0.64
CA PHE A 260 0.59 -15.00 -0.09
C PHE A 260 1.09 -15.20 1.32
N VAL A 261 1.94 -14.28 1.75
CA VAL A 261 2.51 -14.34 3.08
C VAL A 261 2.19 -12.98 3.73
N PHE A 262 1.75 -12.95 5.00
CA PHE A 262 1.39 -11.70 5.68
C PHE A 262 2.64 -10.95 6.05
N GLY A 263 2.58 -9.64 5.93
CA GLY A 263 3.71 -8.80 6.27
C GLY A 263 3.18 -7.44 6.65
N GLU A 264 3.29 -7.14 7.94
CA GLU A 264 2.77 -5.91 8.51
C GLU A 264 3.43 -4.66 7.94
N ALA A 265 2.63 -3.59 7.78
CA ALA A 265 3.11 -2.32 7.24
C ALA A 265 2.12 -1.18 7.42
N GLY A 266 2.58 0.03 7.15
CA GLY A 266 1.75 1.22 7.03
C GLY A 266 2.61 2.25 6.37
N ALA A 267 2.03 3.05 5.50
CA ALA A 267 2.81 3.98 4.68
C ALA A 267 2.00 5.23 4.34
N LEU A 268 2.62 6.41 4.42
CA LEU A 268 1.94 7.62 3.95
C LEU A 268 2.87 8.40 3.08
N MET A 269 2.32 9.17 2.17
CA MET A 269 3.16 10.11 1.49
C MET A 269 2.51 11.48 1.44
N LEU A 270 3.35 12.49 1.25
CA LEU A 270 2.91 13.85 1.16
C LEU A 270 2.92 14.16 -0.30
N ILE A 271 1.79 14.56 -0.87
CA ILE A 271 1.78 15.03 -2.25
C ILE A 271 1.26 16.43 -2.30
N GLU A 272 1.91 17.24 -3.15
CA GLU A 272 1.48 18.62 -3.34
C GLU A 272 1.70 19.10 -4.79
N THR A 273 1.15 20.27 -5.13
CA THR A 273 1.34 20.79 -6.46
C THR A 273 2.79 21.22 -6.61
N GLU A 274 3.27 21.23 -7.85
CA GLU A 274 4.66 21.53 -8.05
C GLU A 274 4.91 22.99 -7.67
N GLU A 275 3.94 23.83 -8.03
CA GLU A 275 3.92 25.23 -7.62
C GLU A 275 4.14 25.37 -6.13
N HIS A 276 3.29 24.70 -5.36
CA HIS A 276 3.37 24.70 -3.92
C HIS A 276 4.70 24.16 -3.41
N ALA A 277 5.17 23.05 -3.98
CA ALA A 277 6.44 22.44 -3.56
C ALA A 277 7.58 23.42 -3.79
N LYS A 278 7.61 24.02 -4.99
CA LYS A 278 8.63 25.02 -5.35
C LYS A 278 8.57 26.18 -4.38
N ALA A 279 7.36 26.62 -4.05
CA ALA A 279 7.09 27.79 -3.19
C ALA A 279 7.63 27.71 -1.76
N ARG A 280 7.75 26.51 -1.22
CA ARG A 280 8.31 26.33 0.11
C ARG A 280 9.72 25.69 0.11
N GLY A 281 10.37 25.59 -1.05
CA GLY A 281 11.70 24.99 -1.15
C GLY A 281 11.76 23.53 -0.67
N ALA A 282 11.01 22.66 -1.33
CA ALA A 282 11.01 21.25 -1.02
C ALA A 282 11.32 20.48 -2.30
N LYS A 283 12.47 19.82 -2.34
CA LYS A 283 12.81 18.94 -3.45
C LYS A 283 11.87 17.73 -3.54
N PRO A 284 11.10 17.62 -4.64
CA PRO A 284 10.28 16.45 -5.00
C PRO A 284 11.07 15.17 -5.15
N LEU A 285 10.49 14.06 -4.75
CA LEU A 285 11.08 12.74 -4.98
C LEU A 285 10.68 12.17 -6.35
N ALA A 286 9.48 12.52 -6.79
CA ALA A 286 8.87 11.99 -8.00
C ALA A 286 7.63 12.80 -8.32
N ARG A 287 7.00 12.52 -9.48
CA ARG A 287 5.73 13.12 -9.83
C ARG A 287 4.63 12.07 -9.83
N LEU A 288 3.42 12.48 -9.47
CA LEU A 288 2.28 11.57 -9.57
C LEU A 288 1.47 12.10 -10.75
N LEU A 289 1.34 11.30 -11.80
CA LEU A 289 0.93 11.80 -13.08
C LEU A 289 -0.52 11.48 -13.36
N GLY A 290 -0.94 10.29 -12.92
CA GLY A 290 -2.33 9.87 -13.06
C GLY A 290 -2.72 8.62 -12.28
N ALA A 291 -4.01 8.25 -12.38
CA ALA A 291 -4.64 7.17 -11.60
C ALA A 291 -5.87 6.58 -12.30
N GLY A 292 -6.01 5.26 -12.23
CA GLY A 292 -7.09 4.56 -12.90
C GLY A 292 -7.71 3.59 -11.92
N ILE A 293 -9.02 3.73 -11.74
CA ILE A 293 -9.80 2.83 -10.91
C ILE A 293 -10.85 2.19 -11.79
N THR A 294 -10.93 0.86 -11.73
CA THR A 294 -11.90 0.06 -12.49
C THR A 294 -12.21 -1.14 -11.65
N SER A 295 -13.18 -1.93 -12.10
CA SER A 295 -13.64 -3.05 -11.33
C SER A 295 -13.94 -4.23 -12.23
N ASP A 296 -13.80 -5.41 -11.66
CA ASP A 296 -13.95 -6.65 -12.39
C ASP A 296 -15.37 -7.05 -12.69
N ALA A 297 -16.29 -6.90 -11.75
CA ALA A 297 -17.61 -7.57 -11.80
C ALA A 297 -17.46 -8.99 -12.34
N PHE A 298 -16.59 -9.74 -11.68
CA PHE A 298 -16.31 -11.11 -12.01
C PHE A 298 -16.66 -12.03 -10.84
N HIS A 299 -15.98 -11.86 -9.71
CA HIS A 299 -16.15 -12.73 -8.60
C HIS A 299 -15.87 -11.98 -7.31
N MET A 300 -16.56 -12.38 -6.25
CA MET A 300 -16.37 -11.77 -4.93
C MET A 300 -14.94 -11.76 -4.36
N VAL A 301 -14.09 -12.74 -4.68
CA VAL A 301 -12.73 -12.78 -4.15
C VAL A 301 -11.64 -13.01 -5.21
N ALA A 302 -11.91 -13.81 -6.24
CA ALA A 302 -10.95 -14.07 -7.32
C ALA A 302 -10.93 -13.02 -8.47
N PRO A 303 -9.74 -12.75 -9.03
CA PRO A 303 -9.64 -11.77 -10.11
C PRO A 303 -10.06 -12.37 -11.42
N ALA A 304 -10.49 -11.54 -12.36
CA ALA A 304 -10.82 -11.97 -13.71
C ALA A 304 -9.56 -12.49 -14.42
N ALA A 305 -9.63 -13.71 -14.92
CA ALA A 305 -8.47 -14.37 -15.45
C ALA A 305 -7.95 -13.62 -16.67
N ASP A 306 -8.88 -13.08 -17.46
CA ASP A 306 -8.53 -12.37 -18.68
C ASP A 306 -7.70 -11.11 -18.38
N GLY A 307 -7.76 -10.63 -17.12
CA GLY A 307 -7.07 -9.42 -16.68
C GLY A 307 -7.38 -8.14 -17.48
N VAL A 308 -8.47 -8.15 -18.25
CA VAL A 308 -8.90 -6.98 -19.05
C VAL A 308 -9.24 -5.65 -18.29
N ARG A 309 -10.01 -5.72 -17.20
CA ARG A 309 -10.38 -4.55 -16.40
C ARG A 309 -9.22 -4.02 -15.59
N ALA A 310 -8.41 -4.93 -15.05
CA ALA A 310 -7.21 -4.53 -14.32
C ALA A 310 -6.22 -3.80 -15.27
N GLY A 311 -6.05 -4.34 -16.48
CA GLY A 311 -5.26 -3.72 -17.52
C GLY A 311 -5.85 -2.38 -17.87
N ARG A 312 -7.17 -2.29 -17.96
CA ARG A 312 -7.85 -1.04 -18.25
C ARG A 312 -7.45 0.11 -17.31
N ALA A 313 -7.40 -0.16 -16.00
CA ALA A 313 -6.93 0.80 -15.00
C ALA A 313 -5.48 1.26 -15.26
N MET A 314 -4.66 0.35 -15.74
CA MET A 314 -3.33 0.75 -16.09
C MET A 314 -3.47 1.78 -17.20
N THR A 315 -4.22 1.44 -18.26
CA THR A 315 -4.46 2.38 -19.34
C THR A 315 -5.00 3.75 -18.82
N ARG A 316 -6.04 3.74 -17.99
CA ARG A 316 -6.66 4.98 -17.53
C ARG A 316 -5.63 5.94 -16.94
N SER A 317 -4.67 5.37 -16.21
CA SER A 317 -3.67 6.18 -15.52
C SER A 317 -2.77 6.83 -16.54
N LEU A 318 -2.42 6.08 -17.58
CA LEU A 318 -1.70 6.64 -18.71
C LEU A 318 -2.56 7.66 -19.48
N GLU A 319 -3.82 7.36 -19.76
CA GLU A 319 -4.62 8.36 -20.43
C GLU A 319 -4.51 9.70 -19.69
N LEU A 320 -4.53 9.65 -18.36
CA LEU A 320 -4.63 10.88 -17.55
C LEU A 320 -3.27 11.51 -17.31
N ALA A 321 -2.24 10.68 -17.27
CA ALA A 321 -0.86 11.13 -17.25
C ALA A 321 -0.47 11.83 -18.58
N GLY A 322 -0.99 11.31 -19.69
CA GLY A 322 -0.66 11.82 -21.00
C GLY A 322 0.52 11.03 -21.53
N LEU A 323 0.40 9.71 -21.49
CA LEU A 323 1.50 8.80 -21.73
C LEU A 323 1.01 7.68 -22.64
N SER A 324 1.94 7.00 -23.29
CA SER A 324 1.57 5.78 -24.00
C SER A 324 2.24 4.57 -23.30
N PRO A 325 1.76 3.33 -23.53
CA PRO A 325 2.42 2.18 -22.90
C PRO A 325 3.94 2.14 -23.17
N ALA A 326 4.36 2.67 -24.31
CA ALA A 326 5.78 2.61 -24.58
C ALA A 326 6.65 3.43 -23.55
N ASP A 327 6.02 4.30 -22.75
CA ASP A 327 6.79 5.14 -21.79
C ASP A 327 7.05 4.46 -20.43
N ILE A 328 6.32 3.38 -20.18
CA ILE A 328 6.40 2.66 -18.93
C ILE A 328 7.57 1.70 -18.87
N ASP A 329 8.52 2.03 -18.01
CA ASP A 329 9.78 1.31 -17.80
C ASP A 329 9.71 0.27 -16.72
N HIS A 330 8.86 0.50 -15.75
CA HIS A 330 8.86 -0.29 -14.57
C HIS A 330 7.44 -0.47 -14.13
N VAL A 331 7.09 -1.68 -13.73
CA VAL A 331 5.78 -1.89 -13.13
C VAL A 331 6.03 -2.48 -11.76
N ASN A 332 5.49 -1.80 -10.75
CA ASN A 332 5.53 -2.35 -9.40
C ASN A 332 4.28 -3.24 -9.26
N ALA A 333 4.44 -4.55 -9.44
CA ALA A 333 3.29 -5.48 -9.50
C ALA A 333 2.58 -5.66 -8.16
N HIS A 334 1.28 -5.88 -8.21
CA HIS A 334 0.56 -6.32 -7.02
C HIS A 334 1.15 -7.63 -6.44
N GLY A 335 1.50 -8.56 -7.32
CA GLY A 335 2.22 -9.80 -7.02
C GLY A 335 2.03 -10.42 -5.68
N THR A 336 0.85 -10.96 -5.43
CA THR A 336 0.56 -11.59 -4.13
C THR A 336 1.15 -13.01 -3.92
N ALA A 337 1.44 -13.69 -5.03
CA ALA A 337 2.13 -14.98 -5.01
C ALA A 337 1.15 -16.14 -5.03
N THR A 338 -0.11 -15.86 -5.30
CA THR A 338 -1.15 -16.90 -5.50
C THR A 338 -1.12 -17.35 -6.95
N PRO A 339 -1.49 -18.62 -7.20
CA PRO A 339 -1.46 -19.11 -8.57
C PRO A 339 -2.26 -18.21 -9.51
N ILE A 340 -3.56 -18.03 -9.21
CA ILE A 340 -4.45 -17.30 -10.12
C ILE A 340 -4.21 -15.80 -10.05
N GLY A 341 -3.74 -15.33 -8.91
CA GLY A 341 -3.56 -13.91 -8.67
C GLY A 341 -2.59 -13.34 -9.67
N ASP A 342 -1.42 -13.96 -9.73
CA ASP A 342 -0.29 -13.53 -10.57
C ASP A 342 -0.52 -13.77 -12.06
N ALA A 343 -1.27 -14.83 -12.37
CA ALA A 343 -1.53 -15.16 -13.74
C ALA A 343 -2.40 -14.04 -14.31
N ALA A 344 -3.37 -13.62 -13.50
CA ALA A 344 -4.29 -12.56 -13.89
C ALA A 344 -3.55 -11.24 -14.13
N GLU A 345 -2.77 -10.81 -13.14
CA GLU A 345 -1.96 -9.61 -13.27
C GLU A 345 -1.10 -9.67 -14.52
N ALA A 346 -0.49 -10.83 -14.79
CA ALA A 346 0.34 -10.95 -15.99
C ALA A 346 -0.46 -10.62 -17.23
N ASN A 347 -1.69 -11.13 -17.31
CA ASN A 347 -2.58 -10.82 -18.43
C ASN A 347 -2.92 -9.33 -18.52
N ALA A 348 -3.20 -8.73 -17.38
CA ALA A 348 -3.51 -7.30 -17.27
C ALA A 348 -2.39 -6.43 -17.85
N ILE A 349 -1.15 -6.77 -17.49
CA ILE A 349 0.00 -6.02 -17.94
C ILE A 349 0.21 -6.15 -19.45
N ARG A 350 -0.14 -7.30 -20.02
CA ARG A 350 -0.09 -7.42 -21.47
C ARG A 350 -1.16 -6.51 -22.03
N VAL A 351 -2.38 -6.67 -21.52
CA VAL A 351 -3.53 -5.92 -21.98
C VAL A 351 -3.22 -4.42 -21.99
N ALA A 352 -2.56 -3.94 -20.95
CA ALA A 352 -2.20 -2.52 -20.86
C ALA A 352 -1.12 -2.08 -21.85
N GLY A 353 -0.46 -3.05 -22.49
CA GLY A 353 0.61 -2.83 -23.46
C GLY A 353 1.95 -2.61 -22.76
N CYS A 354 2.07 -3.20 -21.57
CA CYS A 354 3.21 -2.95 -20.68
C CYS A 354 4.12 -4.14 -20.38
N ASP A 355 3.96 -5.28 -21.06
CA ASP A 355 4.82 -6.43 -20.74
C ASP A 355 6.32 -6.26 -21.05
N GLN A 356 6.67 -5.21 -21.80
CA GLN A 356 8.10 -4.95 -22.07
C GLN A 356 8.73 -4.13 -20.93
N ALA A 357 8.13 -4.15 -19.75
CA ALA A 357 8.68 -3.38 -18.62
C ALA A 357 9.33 -4.25 -17.56
N ALA A 358 10.24 -3.67 -16.79
CA ALA A 358 10.91 -4.34 -15.67
C ALA A 358 9.93 -4.39 -14.52
N VAL A 359 9.68 -5.61 -14.04
CA VAL A 359 8.64 -5.81 -13.04
C VAL A 359 9.24 -6.11 -11.66
N TYR A 360 8.65 -5.55 -10.60
CA TYR A 360 9.06 -5.83 -9.22
C TYR A 360 7.84 -6.23 -8.40
N ALA A 361 7.96 -7.35 -7.67
CA ALA A 361 6.94 -7.77 -6.72
C ALA A 361 7.45 -7.64 -5.29
N PRO A 362 7.32 -6.45 -4.70
CA PRO A 362 7.87 -6.22 -3.39
C PRO A 362 7.27 -7.17 -2.35
N LYS A 363 6.09 -7.71 -2.62
CA LYS A 363 5.47 -8.64 -1.68
C LYS A 363 6.32 -9.89 -1.42
N SER A 364 7.33 -10.13 -2.26
CA SER A 364 8.20 -11.27 -2.07
C SER A 364 9.15 -11.09 -0.89
N ALA A 365 9.44 -9.84 -0.55
CA ALA A 365 10.30 -9.49 0.59
C ALA A 365 9.51 -8.99 1.82
N LEU A 366 8.50 -8.16 1.57
CA LEU A 366 7.73 -7.46 2.59
C LEU A 366 6.38 -8.11 2.93
N GLY A 367 5.96 -9.13 2.19
CA GLY A 367 4.64 -9.71 2.37
C GLY A 367 3.51 -8.75 2.03
N HIS A 368 2.32 -9.15 2.39
CA HIS A 368 1.08 -8.51 2.01
C HIS A 368 0.42 -7.94 3.27
N SER A 369 -0.16 -6.75 3.17
CA SER A 369 -0.68 -5.99 4.32
C SER A 369 -2.04 -5.34 4.06
N ILE A 370 -2.81 -5.95 3.14
CA ILE A 370 -4.20 -5.56 2.90
C ILE A 370 -4.31 -4.05 2.71
N GLY A 371 -4.77 -3.33 3.70
CA GLY A 371 -5.08 -1.92 3.47
C GLY A 371 -3.87 -1.03 3.28
N ALA A 372 -2.75 -1.45 3.81
CA ALA A 372 -1.56 -0.61 3.79
C ALA A 372 -0.75 -0.82 2.53
N VAL A 373 -0.74 -2.04 2.05
CA VAL A 373 0.29 -2.47 1.09
C VAL A 373 0.35 -1.66 -0.19
N GLY A 374 -0.81 -1.35 -0.75
CA GLY A 374 -0.82 -0.45 -1.91
C GLY A 374 -0.04 0.84 -1.66
N ALA A 375 -0.16 1.40 -0.45
CA ALA A 375 0.51 2.65 -0.13
C ALA A 375 2.02 2.44 0.00
N LEU A 376 2.40 1.36 0.68
CA LEU A 376 3.80 1.06 0.83
C LEU A 376 4.43 0.86 -0.58
N GLU A 377 3.75 0.08 -1.40
CA GLU A 377 4.28 -0.19 -2.73
C GLU A 377 4.35 1.08 -3.59
N SER A 378 3.50 2.07 -3.33
CA SER A 378 3.58 3.35 -4.05
C SER A 378 4.80 4.13 -3.60
N VAL A 379 5.10 4.08 -2.29
CA VAL A 379 6.36 4.60 -1.77
C VAL A 379 7.54 3.92 -2.48
N LEU A 380 7.51 2.59 -2.60
CA LEU A 380 8.60 1.88 -3.26
C LEU A 380 8.81 2.30 -4.71
N THR A 381 7.71 2.58 -5.43
CA THR A 381 7.76 2.99 -6.83
C THR A 381 8.50 4.34 -6.93
N VAL A 382 8.20 5.25 -6.00
CA VAL A 382 8.74 6.59 -5.97
C VAL A 382 10.27 6.53 -5.75
N LEU A 383 10.68 5.69 -4.79
CA LEU A 383 12.09 5.47 -4.47
C LEU A 383 12.80 4.86 -5.67
N THR A 384 12.16 3.89 -6.35
CA THR A 384 12.68 3.33 -7.60
C THR A 384 12.97 4.42 -8.63
N LEU A 385 12.04 5.36 -8.81
CA LEU A 385 12.24 6.45 -9.74
C LEU A 385 13.36 7.41 -9.29
N ARG A 386 13.40 7.72 -7.98
CA ARG A 386 14.40 8.64 -7.47
C ARG A 386 15.77 8.00 -7.63
N ASP A 387 15.91 6.75 -7.20
CA ASP A 387 17.21 6.11 -7.16
C ASP A 387 17.61 5.33 -8.45
N GLY A 388 16.76 5.34 -9.48
CA GLY A 388 17.03 4.58 -10.71
C GLY A 388 17.39 3.13 -10.41
N VAL A 389 16.64 2.49 -9.48
CA VAL A 389 16.93 1.10 -9.09
C VAL A 389 15.71 0.23 -8.70
N ILE A 390 15.66 -1.03 -9.14
CA ILE A 390 14.60 -1.94 -8.69
C ILE A 390 15.21 -3.05 -7.80
N PRO A 391 14.75 -3.20 -6.54
CA PRO A 391 15.25 -4.30 -5.72
C PRO A 391 14.95 -5.63 -6.42
N PRO A 392 15.66 -6.73 -6.05
CA PRO A 392 15.36 -8.04 -6.67
C PRO A 392 14.01 -8.54 -6.20
N THR A 393 13.22 -9.16 -7.07
CA THR A 393 12.09 -9.92 -6.57
C THR A 393 12.71 -11.16 -5.97
N LEU A 394 12.50 -11.34 -4.68
CA LEU A 394 13.02 -12.54 -3.99
C LEU A 394 12.28 -13.81 -4.40
N ASN A 395 13.02 -14.92 -4.32
CA ASN A 395 12.47 -16.27 -4.54
C ASN A 395 12.08 -16.61 -5.99
N TYR A 396 12.37 -15.68 -6.91
CA TYR A 396 12.19 -15.88 -8.35
C TYR A 396 13.33 -16.74 -8.92
N GLU A 397 13.04 -18.03 -9.09
CA GLU A 397 14.01 -19.05 -9.45
C GLU A 397 13.57 -19.88 -10.65
N THR A 398 12.26 -19.97 -10.87
CA THR A 398 11.74 -20.68 -12.03
C THR A 398 10.60 -19.87 -12.69
N PRO A 399 10.91 -19.06 -13.72
CA PRO A 399 9.90 -18.45 -14.60
C PRO A 399 8.71 -19.35 -14.89
N ASP A 400 7.49 -18.83 -14.70
CA ASP A 400 6.28 -19.56 -15.11
C ASP A 400 6.10 -19.37 -16.61
N PRO A 401 6.14 -20.50 -17.37
CA PRO A 401 5.88 -20.58 -18.80
C PRO A 401 4.73 -19.67 -19.21
N GLU A 402 3.67 -19.70 -18.39
CA GLU A 402 2.44 -18.94 -18.61
C GLU A 402 2.55 -17.43 -18.32
N ILE A 403 3.64 -16.97 -17.70
CA ILE A 403 3.70 -15.56 -17.29
C ILE A 403 4.48 -14.69 -18.28
N ASP A 404 5.74 -15.04 -18.51
CA ASP A 404 6.56 -14.32 -19.48
C ASP A 404 6.59 -12.83 -19.15
N LEU A 405 7.08 -12.50 -17.96
CA LEU A 405 7.34 -11.12 -17.63
C LEU A 405 8.84 -10.89 -17.37
N ASP A 406 9.28 -9.64 -17.54
CA ASP A 406 10.64 -9.29 -17.21
C ASP A 406 10.72 -8.99 -15.73
N VAL A 407 10.74 -10.03 -14.90
CA VAL A 407 10.74 -9.83 -13.46
C VAL A 407 12.17 -9.59 -12.99
N VAL A 408 12.43 -8.45 -12.35
CA VAL A 408 13.74 -8.16 -11.75
C VAL A 408 14.03 -9.19 -10.65
N ALA A 409 15.13 -9.92 -10.78
CA ALA A 409 15.53 -10.93 -9.79
C ALA A 409 17.06 -11.01 -9.58
N GLY A 410 17.50 -11.64 -8.50
CA GLY A 410 18.91 -11.98 -8.29
C GLY A 410 19.66 -10.92 -7.50
N GLU A 411 20.02 -9.84 -8.18
CA GLU A 411 20.55 -8.67 -7.48
C GLU A 411 19.57 -7.55 -7.82
N PRO A 412 19.71 -6.36 -7.22
CA PRO A 412 19.04 -5.15 -7.72
C PRO A 412 19.35 -4.87 -9.18
N ARG A 413 18.48 -4.15 -9.88
CA ARG A 413 18.71 -3.75 -11.27
C ARG A 413 18.71 -2.24 -11.46
N TYR A 414 19.89 -1.67 -11.72
CA TYR A 414 19.97 -0.25 -12.00
C TYR A 414 19.53 0.00 -13.43
N GLY A 415 18.76 1.07 -13.65
CA GLY A 415 18.28 1.40 -14.99
C GLY A 415 17.61 2.76 -15.19
N ASP A 416 17.43 3.14 -16.45
CA ASP A 416 16.84 4.42 -16.79
C ASP A 416 15.32 4.43 -16.73
N TYR A 417 14.81 4.50 -15.51
CA TYR A 417 13.38 4.40 -15.24
C TYR A 417 12.74 5.78 -15.24
N ARG A 418 12.06 6.12 -16.34
CA ARG A 418 11.45 7.43 -16.54
C ARG A 418 10.01 7.48 -15.99
N TYR A 419 9.25 6.40 -16.19
CA TYR A 419 7.85 6.35 -15.77
C TYR A 419 7.53 4.95 -15.25
N ALA A 420 6.66 4.84 -14.27
CA ALA A 420 6.36 3.56 -13.68
C ALA A 420 4.93 3.55 -13.25
N VAL A 421 4.33 2.37 -13.20
CA VAL A 421 2.95 2.23 -12.84
C VAL A 421 2.96 1.34 -11.64
N ASN A 422 2.23 1.74 -10.61
CA ASN A 422 2.08 0.89 -9.46
C ASN A 422 0.72 0.19 -9.48
N ASN A 423 0.69 -1.13 -9.55
CA ASN A 423 -0.59 -1.89 -9.54
C ASN A 423 -1.05 -2.29 -8.16
N SER A 424 -2.35 -2.23 -7.96
CA SER A 424 -2.94 -2.63 -6.71
C SER A 424 -4.33 -3.14 -7.03
N PHE A 425 -4.57 -4.41 -6.73
CA PHE A 425 -5.90 -5.01 -6.97
C PHE A 425 -6.39 -5.61 -5.65
N GLY A 426 -7.70 -5.68 -5.40
CA GLY A 426 -8.15 -6.33 -4.17
C GLY A 426 -9.43 -7.10 -4.32
N PHE A 427 -9.63 -8.10 -3.46
CA PHE A 427 -10.89 -8.83 -3.38
C PHE A 427 -12.08 -7.90 -3.55
N GLY A 428 -13.11 -8.38 -4.28
CA GLY A 428 -14.22 -7.56 -4.81
C GLY A 428 -13.96 -7.26 -6.30
N GLY A 429 -12.71 -7.47 -6.71
CA GLY A 429 -12.30 -7.15 -8.06
C GLY A 429 -12.01 -5.68 -8.29
N HIS A 430 -11.28 -5.08 -7.35
CA HIS A 430 -11.01 -3.65 -7.38
C HIS A 430 -9.63 -3.41 -7.96
N ASN A 431 -9.54 -2.56 -8.98
CA ASN A 431 -8.28 -2.30 -9.63
C ASN A 431 -7.82 -0.83 -9.53
N VAL A 432 -6.62 -0.61 -9.01
CA VAL A 432 -6.09 0.74 -8.91
C VAL A 432 -4.72 0.71 -9.53
N ALA A 433 -4.49 1.61 -10.49
CA ALA A 433 -3.15 1.76 -11.04
C ALA A 433 -2.75 3.21 -10.82
N LEU A 434 -1.56 3.46 -10.26
CA LEU A 434 -1.00 4.82 -10.14
C LEU A 434 0.18 5.00 -11.10
N ALA A 435 0.15 6.03 -11.93
CA ALA A 435 1.26 6.24 -12.83
C ALA A 435 2.12 7.32 -12.23
N PHE A 436 3.42 7.06 -12.13
CA PHE A 436 4.40 7.99 -11.54
C PHE A 436 5.53 8.36 -12.49
N GLY A 437 6.03 9.59 -12.38
CA GLY A 437 7.20 10.00 -13.15
C GLY A 437 8.45 10.30 -12.32
N ARG A 438 9.62 10.08 -12.89
CA ARG A 438 10.88 10.60 -12.36
C ARG A 438 10.91 12.13 -12.46
N TYR A 439 11.30 12.80 -11.39
CA TYR A 439 11.39 14.26 -11.37
C TYR A 439 12.73 14.78 -11.94
#